data_9J7T
#
_entry.id   9J7T
#
_cell.length_a   35.200
_cell.length_b   99.730
_cell.length_c   67.510
_cell.angle_alpha   90.00
_cell.angle_beta   103.73
_cell.angle_gamma   90.00
#
_symmetry.space_group_name_H-M   'P 1 21 1'
#
loop_
_entity.id
_entity.type
_entity.pdbx_description
1 polymer LKa14
2 non-polymer GLYCEROL
3 water water
#
_entity_poly.entity_id   1
_entity_poly.type   'polypeptide(L)'
_entity_poly.pdbx_seq_one_letter_code
;(ACE)LKKLCKLLKKLCKL
;
_entity_poly.pdbx_strand_id   A,M,B,N,C,O,D,P,E,Q,F,R,G,T,H,U,I,V,J,W,K,Y,L,X
#
loop_
_chem_comp.id
_chem_comp.type
_chem_comp.name
_chem_comp.formula
ACE non-polymer 'ACETYL GROUP' 'C2 H4 O'
GOL non-polymer GLYCEROL 'C3 H8 O3'
#
# COMPACT_ATOMS: atom_id res chain seq x y z
C ACE A 1 2.55 16.25 19.87
O ACE A 1 1.71 16.62 19.03
CH3 ACE A 1 2.58 16.84 21.25
N LEU A 2 3.46 15.31 19.60
CA LEU A 2 3.52 14.67 18.30
C LEU A 2 2.36 13.75 17.99
N LYS A 3 1.75 13.19 19.04
CA LYS A 3 0.59 12.31 18.85
C LYS A 3 -0.57 13.11 18.28
N LYS A 4 -0.86 14.28 18.86
CA LYS A 4 -1.94 15.12 18.37
C LYS A 4 -1.68 15.60 16.94
N LEU A 5 -0.46 16.08 16.69
CA LEU A 5 -0.13 16.59 15.35
C LEU A 5 -0.31 15.50 14.32
N CYS A 6 0.21 14.31 14.60
CA CYS A 6 0.10 13.22 13.63
C CYS A 6 -1.35 12.80 13.42
N LYS A 7 -2.18 12.87 14.47
CA LYS A 7 -3.60 12.58 14.28
C LYS A 7 -4.22 13.57 13.30
N LEU A 8 -3.88 14.85 13.42
CA LEU A 8 -4.42 15.86 12.51
C LEU A 8 -3.91 15.69 11.09
N LEU A 9 -2.61 15.40 10.94
CA LEU A 9 -2.06 15.13 9.61
C LEU A 9 -2.72 13.91 8.99
N LYS A 10 -2.98 12.88 9.79
CA LYS A 10 -3.69 11.72 9.26
C LYS A 10 -5.07 12.10 8.77
N LYS A 11 -5.79 12.93 9.53
CA LYS A 11 -7.13 13.35 9.10
C LYS A 11 -7.06 14.18 7.82
N LEU A 12 -6.08 15.09 7.72
CA LEU A 12 -5.89 15.82 6.46
C LEU A 12 -5.68 14.85 5.31
N CYS A 13 -4.92 13.79 5.54
CA CYS A 13 -4.59 12.89 4.46
C CYS A 13 -5.75 11.96 4.10
N LYS A 14 -6.88 12.05 4.80
CA LYS A 14 -8.07 11.35 4.33
C LYS A 14 -8.70 12.10 3.17
N LEU A 15 -8.30 13.36 2.98
CA LEU A 15 -8.71 14.17 1.84
C LEU A 15 -10.24 14.28 1.73
C ACE B 1 1.01 14.47 -4.13
O ACE B 1 1.86 14.24 -3.26
CH3 ACE B 1 1.36 14.70 -5.57
N LEU B 2 -0.29 14.51 -3.84
CA LEU B 2 -0.83 14.35 -2.49
C LEU B 2 -0.63 12.93 -1.95
N LYS B 3 -0.75 11.92 -2.81
CA LYS B 3 -0.53 10.56 -2.35
C LYS B 3 0.90 10.42 -1.83
N LYS B 4 1.87 10.90 -2.60
CA LYS B 4 3.26 10.83 -2.17
C LYS B 4 3.50 11.65 -0.89
N LEU B 5 3.02 12.89 -0.84
CA LEU B 5 3.20 13.71 0.35
C LEU B 5 2.59 13.02 1.57
N CYS B 6 1.37 12.49 1.43
CA CYS B 6 0.74 11.83 2.56
C CYS B 6 1.48 10.56 2.99
N LYS B 7 2.08 9.84 2.04
CA LYS B 7 2.90 8.67 2.41
C LYS B 7 4.12 9.09 3.24
N LEU B 8 4.73 10.21 2.88
CA LEU B 8 5.87 10.70 3.63
C LEU B 8 5.47 11.17 5.03
N LEU B 9 4.33 11.87 5.14
CA LEU B 9 3.83 12.29 6.45
C LEU B 9 3.48 11.08 7.32
N LYS B 10 2.88 10.04 6.72
CA LYS B 10 2.59 8.84 7.48
C LYS B 10 3.86 8.19 8.01
N LYS B 11 4.88 8.05 7.16
CA LYS B 11 6.15 7.46 7.57
C LYS B 11 6.83 8.29 8.66
N LEU B 12 6.81 9.61 8.49
CA LEU B 12 7.36 10.51 9.49
C LEU B 12 6.64 10.31 10.82
N CYS B 13 5.32 10.09 10.78
CA CYS B 13 4.53 9.90 11.99
C CYS B 13 4.70 8.50 12.59
N LYS B 14 5.40 7.60 11.92
CA LYS B 14 5.74 6.33 12.56
C LYS B 14 6.78 6.55 13.66
N LEU B 15 7.53 7.65 13.55
CA LEU B 15 8.48 8.07 14.59
C LEU B 15 9.53 6.99 14.79
C ACE C 1 9.84 23.34 -2.85
O ACE C 1 8.85 22.67 -2.57
CH3 ACE C 1 10.91 22.86 -3.80
N LEU C 2 10.04 24.55 -2.36
CA LEU C 2 9.16 25.18 -1.40
C LEU C 2 7.84 25.69 -2.00
N LYS C 3 7.86 26.09 -3.27
CA LYS C 3 6.62 26.50 -3.91
C LYS C 3 5.71 25.29 -4.14
N LYS C 4 6.28 24.18 -4.58
CA LYS C 4 5.51 22.96 -4.82
C LYS C 4 4.94 22.39 -3.53
N LEU C 5 5.76 22.32 -2.48
CA LEU C 5 5.29 21.80 -1.20
C LEU C 5 4.13 22.63 -0.67
N CYS C 6 4.24 23.95 -0.74
CA CYS C 6 3.18 24.81 -0.21
C CYS C 6 1.89 24.69 -1.02
N LYS C 7 1.97 24.54 -2.33
CA LYS C 7 0.73 24.34 -3.08
C LYS C 7 0.09 23.01 -2.72
N LEU C 8 0.89 21.96 -2.49
CA LEU C 8 0.32 20.70 -2.04
C LEU C 8 -0.30 20.85 -0.65
N LEU C 9 0.38 21.54 0.27
CA LEU C 9 -0.22 21.78 1.57
C LEU C 9 -1.51 22.58 1.43
N LYS C 10 -1.52 23.54 0.51
CA LYS C 10 -2.75 24.30 0.27
C LYS C 10 -3.87 23.41 -0.21
N LYS C 11 -3.59 22.50 -1.14
CA LYS C 11 -4.61 21.58 -1.64
C LYS C 11 -5.10 20.66 -0.52
N LEU C 12 -4.16 20.15 0.28
CA LEU C 12 -4.50 19.30 1.42
C LEU C 12 -5.48 20.00 2.36
N CYS C 13 -5.27 21.30 2.59
CA CYS C 13 -6.15 22.01 3.51
C CYS C 13 -7.48 22.40 2.87
N LYS C 14 -7.47 22.67 1.56
CA LYS C 14 -8.70 22.99 0.86
C LYS C 14 -9.61 21.78 0.69
N LEU C 15 -9.06 20.58 0.73
CA LEU C 15 -9.84 19.36 0.62
C LEU C 15 -10.38 18.92 1.98
C ACE D 1 -7.25 21.38 13.91
O ACE D 1 -6.28 22.12 13.71
CH3 ACE D 1 -7.76 21.06 15.29
N LEU D 2 -7.96 20.86 12.91
CA LEU D 2 -7.61 21.07 11.50
C LEU D 2 -7.64 22.52 11.01
N LYS D 3 -8.69 23.27 11.38
CA LYS D 3 -8.77 24.66 10.94
C LYS D 3 -7.57 25.47 11.44
N LYS D 4 -7.24 25.30 12.72
CA LYS D 4 -6.08 25.99 13.28
C LYS D 4 -4.79 25.55 12.59
N LEU D 5 -4.59 24.23 12.43
CA LEU D 5 -3.37 23.75 11.77
C LEU D 5 -3.23 24.32 10.37
N CYS D 6 -4.32 24.33 9.60
CA CYS D 6 -4.24 24.83 8.24
C CYS D 6 -3.99 26.34 8.21
N LYS D 7 -4.52 27.08 9.20
CA LYS D 7 -4.21 28.50 9.29
C LYS D 7 -2.73 28.71 9.56
N LEU D 8 -2.14 27.87 10.42
CA LEU D 8 -0.69 27.97 10.66
C LEU D 8 0.11 27.58 9.42
N LEU D 9 -0.29 26.52 8.72
CA LEU D 9 0.44 26.14 7.49
C LEU D 9 0.35 27.25 6.45
N LYS D 10 -0.80 27.92 6.38
CA LYS D 10 -0.97 29.03 5.45
C LYS D 10 0.04 30.14 5.77
N LYS D 11 0.13 30.52 7.05
CA LYS D 11 1.10 31.55 7.47
C LYS D 11 2.53 31.12 7.22
N LEU D 12 2.85 29.87 7.56
CA LEU D 12 4.19 29.36 7.29
C LEU D 12 4.53 29.48 5.82
N CYS D 13 3.56 29.17 4.94
CA CYS D 13 3.86 29.21 3.52
C CYS D 13 3.89 30.63 2.96
N LYS D 14 3.19 31.57 3.59
CA LYS D 14 3.29 32.96 3.15
C LYS D 14 4.60 33.62 3.57
N LEU D 15 5.20 33.17 4.67
CA LEU D 15 6.52 33.64 5.12
C LEU D 15 7.65 33.32 4.15
C ACE E 1 11.79 12.38 1.26
O ACE E 1 11.47 13.55 1.35
CH3 ACE E 1 11.94 11.66 -0.05
N LEU E 2 12.04 11.64 2.33
CA LEU E 2 11.94 12.15 3.68
C LEU E 2 13.03 13.17 4.02
N LYS E 3 14.24 12.95 3.49
CA LYS E 3 15.31 13.90 3.73
C LYS E 3 15.03 15.23 3.05
N LYS E 4 14.55 15.20 1.80
CA LYS E 4 14.21 16.45 1.13
C LYS E 4 13.03 17.15 1.81
N LEU E 5 11.99 16.40 2.18
CA LEU E 5 10.82 17.00 2.82
C LEU E 5 11.22 17.72 4.11
N CYS E 6 12.03 17.07 4.94
CA CYS E 6 12.45 17.66 6.19
C CYS E 6 13.35 18.86 5.98
N LYS E 7 14.19 18.81 4.93
CA LYS E 7 14.99 19.98 4.57
C LYS E 7 14.09 21.14 4.17
N LEU E 8 13.00 20.86 3.44
CA LEU E 8 12.05 21.91 3.07
C LEU E 8 11.32 22.45 4.30
N LEU E 9 10.90 21.55 5.21
CA LEU E 9 10.22 21.97 6.43
C LEU E 9 11.14 22.83 7.29
N LYS E 10 12.41 22.45 7.38
CA LYS E 10 13.37 23.28 8.10
C LYS E 10 13.47 24.65 7.48
N LYS E 11 13.52 24.73 6.14
CA LYS E 11 13.60 26.01 5.46
C LYS E 11 12.35 26.85 5.72
N LEU E 12 11.18 26.21 5.62
CA LEU E 12 9.94 26.91 5.94
C LEU E 12 9.99 27.50 7.35
N CYS E 13 10.55 26.75 8.28
CA CYS E 13 10.56 27.14 9.69
C CYS E 13 11.62 28.18 10.01
N LYS E 14 12.42 28.58 9.03
CA LYS E 14 13.30 29.74 9.25
C LYS E 14 12.48 31.02 9.19
N LEU E 15 11.25 30.95 8.67
CA LEU E 15 10.33 32.08 8.65
C LEU E 15 10.91 33.33 7.99
C ACE F 1 2.61 28.98 16.17
O ACE F 1 1.77 29.55 16.90
CH3 ACE F 1 2.82 27.52 16.26
N LEU F 2 3.42 29.64 15.35
CA LEU F 2 4.39 28.99 14.46
C LEU F 2 5.63 28.44 15.16
N LYS F 3 6.01 29.03 16.29
CA LYS F 3 7.15 28.53 17.05
C LYS F 3 6.89 27.10 17.52
N LYS F 4 5.74 26.87 18.14
CA LYS F 4 5.39 25.54 18.64
C LYS F 4 5.28 24.53 17.49
N LEU F 5 4.58 24.90 16.41
CA LEU F 5 4.45 23.99 15.27
C LEU F 5 5.83 23.61 14.72
N CYS F 6 6.71 24.60 14.54
CA CYS F 6 8.01 24.31 13.99
C CYS F 6 8.85 23.46 14.95
N LYS F 7 8.70 23.67 16.25
CA LYS F 7 9.38 22.80 17.21
C LYS F 7 8.89 21.35 17.07
N LEU F 8 7.59 21.16 16.83
CA LEU F 8 7.06 19.82 16.63
C LEU F 8 7.56 19.20 15.33
N LEU F 9 7.56 19.98 14.24
CA LEU F 9 8.05 19.46 12.96
C LEU F 9 9.53 19.12 13.05
N LYS F 10 10.28 19.92 13.79
CA LYS F 10 11.69 19.60 13.99
C LYS F 10 11.84 18.25 14.69
N LYS F 11 11.05 18.03 15.76
CA LYS F 11 11.11 16.75 16.47
C LYS F 11 10.71 15.58 15.57
N LEU F 12 9.65 15.76 14.81
CA LEU F 12 9.23 14.74 13.85
C LEU F 12 10.36 14.42 12.87
N CYS F 13 11.11 15.44 12.45
CA CYS F 13 12.16 15.19 11.45
C CYS F 13 13.44 14.61 12.03
N LYS F 14 13.74 14.85 13.30
CA LYS F 14 14.86 14.16 13.94
C LYS F 14 14.49 12.73 14.26
N LEU F 15 13.18 12.47 14.35
CA LEU F 15 12.45 11.19 14.41
C LEU F 15 11.93 10.89 15.80
C ACE G 1 -24.29 9.52 -4.27
O ACE G 1 -23.14 9.98 -4.24
CH3 ACE G 1 -25.01 9.02 -3.04
N LEU G 2 -25.14 9.98 -5.30
CA LEU G 2 -24.51 10.18 -6.59
C LEU G 2 -23.99 11.60 -6.77
N LYS G 3 -24.61 12.57 -6.09
CA LYS G 3 -24.05 13.92 -6.11
C LYS G 3 -22.73 13.94 -5.37
N LYS G 4 -22.66 13.24 -4.22
CA LYS G 4 -21.43 13.19 -3.46
C LYS G 4 -20.32 12.49 -4.24
N LEU G 5 -20.63 11.35 -4.86
CA LEU G 5 -19.63 10.66 -5.67
C LEU G 5 -19.14 11.54 -6.81
N CYS G 6 -20.06 12.20 -7.52
CA CYS G 6 -19.64 13.02 -8.64
C CYS G 6 -18.81 14.22 -8.17
N LYS G 7 -19.11 14.77 -7.00
CA LYS G 7 -18.28 15.84 -6.46
C LYS G 7 -16.87 15.33 -6.15
N LEU G 8 -16.76 14.11 -5.63
CA LEU G 8 -15.45 13.52 -5.39
C LEU G 8 -14.72 13.27 -6.71
N LEU G 9 -15.43 12.74 -7.70
CA LEU G 9 -14.82 12.52 -9.00
C LEU G 9 -14.33 13.83 -9.60
N LYS G 10 -15.09 14.91 -9.40
CA LYS G 10 -14.66 16.22 -9.88
C LYS G 10 -13.36 16.64 -9.19
N LYS G 11 -13.27 16.45 -7.88
CA LYS G 11 -12.06 16.80 -7.15
C LYS G 11 -10.88 15.96 -7.61
N LEU G 12 -11.11 14.66 -7.81
CA LEU G 12 -10.08 13.77 -8.31
C LEU G 12 -9.53 14.26 -9.64
N CYS G 13 -10.41 14.74 -10.53
CA CYS G 13 -9.99 15.16 -11.85
C CYS G 13 -9.38 16.55 -11.81
N LYS G 14 -9.73 17.38 -10.83
CA LYS G 14 -9.07 18.67 -10.74
C LYS G 14 -7.75 18.59 -10.00
N LEU G 15 -7.49 17.46 -9.34
CA LEU G 15 -6.26 17.09 -8.61
C LEU G 15 -6.32 17.53 -7.15
C ACE H 1 -6.68 10.05 -20.20
O ACE H 1 -7.88 9.73 -20.12
CH3 ACE H 1 -5.84 9.57 -21.36
N LEU H 2 -6.07 10.83 -19.32
CA LEU H 2 -6.75 11.36 -18.14
C LEU H 2 -7.71 12.49 -18.46
N LYS H 3 -7.31 13.37 -19.39
CA LYS H 3 -8.18 14.47 -19.76
C LYS H 3 -9.45 13.95 -20.43
N LYS H 4 -9.30 12.99 -21.34
CA LYS H 4 -10.45 12.36 -21.97
C LYS H 4 -11.31 11.63 -20.95
N LEU H 5 -10.69 10.83 -20.09
CA LEU H 5 -11.44 10.12 -19.06
C LEU H 5 -12.21 11.10 -18.17
N CYS H 6 -11.53 12.16 -17.73
CA CYS H 6 -12.19 13.11 -16.84
C CYS H 6 -13.33 13.84 -17.55
N LYS H 7 -13.17 14.13 -18.84
CA LYS H 7 -14.27 14.72 -19.60
C LYS H 7 -15.45 13.77 -19.70
N LEU H 8 -15.18 12.47 -19.89
CA LEU H 8 -16.26 11.49 -19.93
C LEU H 8 -16.93 11.36 -18.56
N LEU H 9 -16.15 11.36 -17.48
CA LEU H 9 -16.75 11.31 -16.15
C LEU H 9 -17.61 12.54 -15.89
N LYS H 10 -17.18 13.71 -16.36
CA LYS H 10 -18.01 14.90 -16.20
C LYS H 10 -19.33 14.74 -16.96
N LYS H 11 -19.25 14.28 -18.22
CA LYS H 11 -20.47 14.07 -19.01
C LYS H 11 -21.39 13.02 -18.39
N LEU H 12 -20.82 11.90 -17.93
CA LEU H 12 -21.62 10.87 -17.25
C LEU H 12 -22.33 11.44 -16.03
N CYS H 13 -21.65 12.29 -15.27
CA CYS H 13 -22.28 12.80 -14.07
C CYS H 13 -23.33 13.85 -14.41
N LYS H 14 -23.14 14.60 -15.50
CA LYS H 14 -24.13 15.61 -15.88
C LYS H 14 -25.39 15.00 -16.45
N LEU H 15 -25.29 13.81 -17.02
CA LEU H 15 -26.48 13.08 -17.46
C LEU H 15 -27.32 12.70 -16.25
C ACE I 1 -9.66 -1.50 -20.47
O ACE I 1 -9.42 -0.33 -20.15
CH3 ACE I 1 -9.91 -1.92 -21.90
N LEU I 2 -9.73 -2.90 -20.17
CA LEU I 2 -9.88 -2.75 -18.73
C LEU I 2 -8.55 -2.49 -18.01
N LYS I 3 -7.47 -2.90 -18.66
CA LYS I 3 -6.14 -2.65 -18.10
C LYS I 3 -5.79 -1.18 -18.17
N LYS I 4 -6.06 -0.54 -19.31
CA LYS I 4 -5.76 0.88 -19.47
C LYS I 4 -6.58 1.73 -18.51
N LEU I 5 -7.88 1.44 -18.38
CA LEU I 5 -8.73 2.23 -17.48
C LEU I 5 -8.18 2.19 -16.06
N CYS I 6 -7.83 1.00 -15.58
CA CYS I 6 -7.29 0.87 -14.23
C CYS I 6 -5.96 1.59 -14.09
N LYS I 7 -5.12 1.61 -15.14
CA LYS I 7 -3.91 2.41 -15.10
C LYS I 7 -4.22 3.89 -15.00
N LEU I 8 -5.24 4.36 -15.72
CA LEU I 8 -5.63 5.75 -15.63
C LEU I 8 -6.15 6.10 -14.24
N LEU I 9 -6.96 5.20 -13.66
CA LEU I 9 -7.46 5.41 -12.31
C LEU I 9 -6.31 5.43 -11.29
N LYS I 10 -5.33 4.55 -11.47
CA LYS I 10 -4.16 4.58 -10.60
C LYS I 10 -3.44 5.92 -10.70
N LYS I 11 -3.26 6.43 -11.92
CA LYS I 11 -2.60 7.73 -12.10
C LYS I 11 -3.40 8.84 -11.47
N LEU I 12 -4.71 8.84 -11.68
CA LEU I 12 -5.58 9.83 -11.08
C LEU I 12 -5.45 9.80 -9.56
N CYS I 13 -5.32 8.61 -8.99
CA CYS I 13 -5.25 8.45 -7.54
C CYS I 13 -3.88 8.83 -6.98
N LYS I 14 -2.96 9.28 -7.82
CA LYS I 14 -1.72 9.87 -7.29
C LYS I 14 -1.97 11.29 -6.83
N LEU I 15 -3.11 11.86 -7.21
CA LEU I 15 -3.56 13.13 -6.71
C LEU I 15 -2.55 14.24 -7.04
C ACE J 1 -10.46 12.48 -3.61
O ACE J 1 -9.80 13.49 -3.30
CH3 ACE J 1 -11.16 12.35 -4.92
N LEU J 2 -10.63 11.36 -2.91
CA LEU J 2 -10.12 11.15 -1.58
C LEU J 2 -9.48 9.77 -1.32
N LYS J 3 -8.96 9.63 -0.11
CA LYS J 3 -8.25 8.40 0.23
C LYS J 3 -9.16 7.17 0.11
N LYS J 4 -10.35 7.26 0.69
CA LYS J 4 -11.27 6.10 0.67
C LYS J 4 -11.70 5.74 -0.75
N LEU J 5 -12.08 6.72 -1.56
CA LEU J 5 -12.48 6.42 -2.94
C LEU J 5 -11.36 5.72 -3.69
N CYS J 6 -10.13 6.23 -3.58
CA CYS J 6 -9.02 5.61 -4.29
C CYS J 6 -8.73 4.21 -3.77
N LYS J 7 -8.94 3.98 -2.47
CA LYS J 7 -8.77 2.64 -1.92
C LYS J 7 -9.77 1.67 -2.56
N LEU J 8 -11.01 2.13 -2.74
CA LEU J 8 -12.04 1.30 -3.36
C LEU J 8 -11.72 1.03 -4.83
N LEU J 9 -11.29 2.07 -5.56
CA LEU J 9 -10.94 1.89 -6.97
C LEU J 9 -9.75 0.95 -7.12
N LYS J 10 -8.79 1.03 -6.21
CA LYS J 10 -7.66 0.10 -6.25
C LYS J 10 -8.15 -1.33 -6.08
N LYS J 11 -9.03 -1.56 -5.09
CA LYS J 11 -9.60 -2.88 -4.84
C LYS J 11 -10.38 -3.39 -6.04
N LEU J 12 -11.21 -2.53 -6.63
CA LEU J 12 -11.95 -2.90 -7.81
C LEU J 12 -11.02 -3.30 -8.95
N CYS J 13 -9.89 -2.59 -9.07
CA CYS J 13 -8.98 -2.89 -10.17
C CYS J 13 -8.12 -4.12 -9.91
N LYS J 14 -7.89 -4.47 -8.64
CA LYS J 14 -7.22 -5.72 -8.34
C LYS J 14 -8.22 -6.88 -8.47
N LEU J 15 -8.80 -7.28 -7.35
CA LEU J 15 -9.84 -8.30 -7.30
C LEU J 15 -10.77 -8.20 -8.50
C ACE K 1 -17.58 6.63 -24.29
O ACE K 1 -16.97 5.93 -23.49
CH3 ACE K 1 -16.96 7.54 -25.32
N LEU K 2 -18.78 7.37 -24.13
CA LEU K 2 -19.57 7.21 -22.92
C LEU K 2 -20.10 5.78 -22.76
N LYS K 3 -20.50 5.16 -23.88
CA LYS K 3 -20.95 3.78 -23.84
C LYS K 3 -19.80 2.82 -23.51
N LYS K 4 -18.62 3.04 -24.11
CA LYS K 4 -17.48 2.19 -23.79
C LYS K 4 -17.09 2.30 -22.33
N LEU K 5 -17.07 3.52 -21.80
CA LEU K 5 -16.73 3.72 -20.39
C LEU K 5 -17.69 2.97 -19.49
N CYS K 6 -19.00 3.10 -19.74
CA CYS K 6 -19.98 2.40 -18.91
C CYS K 6 -19.85 0.89 -19.03
N LYS K 7 -19.50 0.38 -20.22
CA LYS K 7 -19.26 -1.05 -20.36
C LYS K 7 -18.07 -1.49 -19.52
N LEU K 8 -16.99 -0.69 -19.51
CA LEU K 8 -15.83 -1.00 -18.69
C LEU K 8 -16.15 -0.91 -17.20
N LEU K 9 -16.86 0.13 -16.78
CA LEU K 9 -17.24 0.22 -15.36
C LEU K 9 -18.12 -0.94 -14.95
N LYS K 10 -19.03 -1.36 -15.82
CA LYS K 10 -19.84 -2.54 -15.54
C LYS K 10 -18.96 -3.77 -15.39
N LYS K 11 -17.99 -3.91 -16.30
CA LYS K 11 -17.10 -5.07 -16.23
C LYS K 11 -16.27 -5.06 -14.97
N LEU K 12 -15.71 -3.90 -14.60
CA LEU K 12 -14.96 -3.81 -13.35
C LEU K 12 -15.82 -4.23 -12.17
N CYS K 13 -17.06 -3.78 -12.14
CA CYS K 13 -17.87 -4.14 -11.00
C CYS K 13 -18.39 -5.56 -11.14
N LYS K 14 -18.27 -6.15 -12.33
CA LYS K 14 -18.56 -7.54 -12.62
C LYS K 14 -17.28 -8.39 -12.59
N LEU K 15 -16.48 -8.31 -13.64
CA LEU K 15 -15.21 -9.03 -13.80
C LEU K 15 -15.43 -10.54 -13.84
C ACE L 1 -17.92 -0.11 -0.96
O ACE L 1 -18.50 0.74 -1.66
CH3 ACE L 1 -17.86 -0.05 0.53
N LEU L 2 -17.31 -1.16 -1.49
CA LEU L 2 -17.27 -1.37 -2.93
C LEU L 2 -18.69 -1.65 -3.43
N LYS L 3 -19.51 -2.25 -2.56
CA LYS L 3 -20.90 -2.54 -2.92
C LYS L 3 -21.68 -1.26 -3.17
N LYS L 4 -21.57 -0.28 -2.27
CA LYS L 4 -22.21 1.01 -2.47
C LYS L 4 -21.65 1.70 -3.72
N LEU L 5 -20.33 1.72 -3.86
CA LEU L 5 -19.72 2.38 -5.01
C LEU L 5 -20.20 1.77 -6.32
N CYS L 6 -20.18 0.44 -6.42
CA CYS L 6 -20.60 -0.18 -7.67
C CYS L 6 -22.08 0.04 -7.95
N LYS L 7 -22.92 0.12 -6.92
CA LYS L 7 -24.33 0.46 -7.15
C LYS L 7 -24.48 1.87 -7.70
N LEU L 8 -23.66 2.81 -7.21
CA LEU L 8 -23.68 4.17 -7.73
C LEU L 8 -23.17 4.23 -9.17
N LEU L 9 -22.09 3.50 -9.46
CA LEU L 9 -21.60 3.47 -10.84
C LEU L 9 -22.64 2.85 -11.76
N LYS L 10 -23.32 1.81 -11.26
CA LYS L 10 -24.40 1.15 -12.01
C LYS L 10 -25.52 2.15 -12.29
N LYS L 11 -25.91 2.94 -11.27
CA LYS L 11 -26.94 3.97 -11.43
C LYS L 11 -26.56 5.03 -12.46
N LEU L 12 -25.30 5.50 -12.43
CA LEU L 12 -24.87 6.46 -13.44
C LEU L 12 -25.08 5.92 -14.84
N CYS L 13 -24.77 4.64 -15.02
CA CYS L 13 -24.78 4.02 -16.33
C CYS L 13 -26.08 3.34 -16.74
N LYS L 14 -26.92 2.91 -15.79
CA LYS L 14 -28.19 2.26 -16.13
C LYS L 14 -29.33 3.25 -16.22
N LEU L 15 -29.62 3.95 -15.13
CA LEU L 15 -30.24 5.26 -15.19
C LEU L 15 -29.21 6.22 -15.73
C ACE M 1 -9.24 -26.63 -1.90
O ACE M 1 -8.50 -26.11 -1.04
CH3 ACE M 1 -8.81 -26.94 -3.30
N LEU M 2 -10.48 -27.00 -1.61
CA LEU M 2 -11.03 -26.71 -0.30
C LEU M 2 -10.56 -27.67 0.79
N LYS M 3 -10.14 -28.86 0.42
CA LYS M 3 -9.60 -29.76 1.43
C LYS M 3 -8.31 -29.19 1.99
N LYS M 4 -7.46 -28.71 1.09
CA LYS M 4 -6.16 -28.15 1.48
C LYS M 4 -6.34 -26.87 2.28
N LEU M 5 -7.24 -25.99 1.82
CA LEU M 5 -7.47 -24.75 2.57
C LEU M 5 -7.93 -25.06 3.98
N CYS M 6 -8.89 -25.98 4.11
CA CYS M 6 -9.38 -26.32 5.45
C CYS M 6 -8.28 -26.95 6.30
N LYS M 7 -7.39 -27.73 5.68
CA LYS M 7 -6.28 -28.30 6.44
C LYS M 7 -5.37 -27.21 6.98
N LEU M 8 -5.10 -26.20 6.16
CA LEU M 8 -4.23 -25.11 6.59
C LEU M 8 -4.88 -24.33 7.72
N LEU M 9 -6.18 -24.07 7.59
CA LEU M 9 -6.91 -23.36 8.65
C LEU M 9 -6.94 -24.16 9.93
N LYS M 10 -7.12 -25.48 9.84
CA LYS M 10 -7.12 -26.29 11.04
C LYS M 10 -5.76 -26.18 11.75
N LYS M 11 -4.68 -26.22 10.99
CA LYS M 11 -3.36 -26.12 11.63
C LYS M 11 -3.16 -24.77 12.34
N LEU M 12 -3.58 -23.68 11.69
CA LEU M 12 -3.49 -22.37 12.33
C LEU M 12 -4.25 -22.34 13.63
N CYS M 13 -5.43 -22.97 13.65
CA CYS M 13 -6.29 -22.94 14.81
C CYS M 13 -5.84 -23.90 15.91
N LYS M 14 -5.30 -25.06 15.54
CA LYS M 14 -4.88 -26.00 16.58
C LYS M 14 -3.51 -25.69 17.16
N LEU M 15 -2.66 -25.00 16.41
CA LEU M 15 -1.34 -24.68 16.93
C LEU M 15 -1.19 -23.22 17.33
C ACE N 1 -11.52 -14.90 18.54
O ACE N 1 -12.32 -15.32 17.68
CH3 ACE N 1 -11.85 -13.75 19.46
N LEU N 2 -10.31 -15.45 18.73
CA LEU N 2 -9.87 -16.57 17.92
C LEU N 2 -10.60 -17.85 18.21
N LYS N 3 -11.00 -18.05 19.47
CA LYS N 3 -11.70 -19.28 19.81
C LYS N 3 -13.02 -19.37 19.05
N LYS N 4 -13.79 -18.29 19.05
CA LYS N 4 -15.04 -18.27 18.30
C LYS N 4 -14.79 -18.42 16.79
N LEU N 5 -13.84 -17.65 16.27
CA LEU N 5 -13.53 -17.72 14.85
C LEU N 5 -13.14 -19.14 14.42
N CYS N 6 -12.29 -19.79 15.21
CA CYS N 6 -11.86 -21.14 14.84
C CYS N 6 -13.02 -22.15 14.90
N LYS N 7 -13.93 -21.99 15.87
CA LYS N 7 -15.09 -22.87 15.88
C LYS N 7 -15.97 -22.65 14.66
N LEU N 8 -16.10 -21.39 14.22
CA LEU N 8 -16.83 -21.11 13.00
C LEU N 8 -16.12 -21.67 11.78
N LEU N 9 -14.79 -21.52 11.72
CA LEU N 9 -14.04 -22.10 10.61
C LEU N 9 -14.14 -23.62 10.61
N LYS N 10 -14.16 -24.24 11.79
CA LYS N 10 -14.32 -25.69 11.87
C LYS N 10 -15.66 -26.12 11.25
N LYS N 11 -16.74 -25.41 11.60
CA LYS N 11 -18.06 -25.73 11.07
C LYS N 11 -18.12 -25.55 9.56
N LEU N 12 -17.57 -24.44 9.07
CA LEU N 12 -17.53 -24.21 7.63
C LEU N 12 -16.81 -25.34 6.92
N CYS N 13 -15.71 -25.81 7.50
CA CYS N 13 -14.87 -26.84 6.91
C CYS N 13 -15.51 -28.23 6.96
N LYS N 14 -16.62 -28.37 7.69
CA LYS N 14 -17.39 -29.61 7.59
C LYS N 14 -18.04 -29.71 6.22
N LEU N 15 -18.20 -28.58 5.54
CA LEU N 15 -18.61 -28.55 4.14
C LEU N 15 -20.03 -29.11 3.98
C ACE O 1 -15.44 -6.45 10.56
O ACE O 1 -14.92 -7.46 11.02
CH3 ACE O 1 -16.70 -5.85 11.13
N LEU O 2 -15.28 -5.65 9.39
CA LEU O 2 -14.21 -6.26 8.61
C LEU O 2 -12.87 -5.85 9.16
N LYS O 3 -12.84 -4.73 9.90
CA LYS O 3 -11.60 -4.36 10.58
C LYS O 3 -11.30 -5.32 11.73
N LYS O 4 -12.32 -5.70 12.50
CA LYS O 4 -12.08 -6.66 13.58
C LYS O 4 -11.66 -8.01 13.01
N LEU O 5 -12.36 -8.47 11.96
CA LEU O 5 -12.04 -9.77 11.36
C LEU O 5 -10.60 -9.82 10.90
N CYS O 6 -10.13 -8.78 10.20
CA CYS O 6 -8.77 -8.77 9.70
C CYS O 6 -7.74 -8.77 10.82
N LYS O 7 -8.08 -8.14 11.95
CA LYS O 7 -7.23 -8.19 13.13
C LYS O 7 -7.11 -9.62 13.68
N LEU O 8 -8.23 -10.35 13.70
CA LEU O 8 -8.22 -11.76 14.13
C LEU O 8 -7.45 -12.64 13.15
N LEU O 9 -7.65 -12.43 11.85
CA LEU O 9 -6.90 -13.21 10.85
C LEU O 9 -5.41 -12.98 11.00
N LYS O 10 -5.02 -11.73 11.25
CA LYS O 10 -3.61 -11.47 11.51
C LYS O 10 -3.15 -12.21 12.75
N LYS O 11 -3.95 -12.19 13.82
CA LYS O 11 -3.61 -12.92 15.02
C LYS O 11 -3.60 -14.42 14.74
N LEU O 12 -4.59 -14.91 13.99
CA LEU O 12 -4.63 -16.32 13.59
C LEU O 12 -3.35 -16.73 12.89
N CYS O 13 -2.83 -15.86 12.03
CA CYS O 13 -1.66 -16.25 11.26
C CYS O 13 -0.38 -16.20 12.07
N LYS O 14 -0.43 -15.65 13.29
CA LYS O 14 0.64 -15.76 14.25
C LYS O 14 0.24 -16.48 15.52
N LEU O 15 -1.06 -16.69 15.73
CA LEU O 15 -1.61 -17.30 16.95
C LEU O 15 -1.04 -16.67 18.21
C ACE P 1 0.62 -22.59 3.24
O ACE P 1 0.19 -21.55 2.72
CH3 ACE P 1 0.74 -23.89 2.50
N LEU P 2 0.97 -22.65 4.52
CA LEU P 2 0.92 -21.42 5.28
C LEU P 2 2.05 -20.58 4.69
N LYS P 3 2.16 -19.37 5.18
CA LYS P 3 3.09 -18.36 4.69
C LYS P 3 2.45 -17.74 3.46
N LYS P 4 2.20 -18.53 2.41
CA LYS P 4 1.49 -18.02 1.23
C LYS P 4 0.04 -17.65 1.57
N LEU P 5 -0.67 -18.57 2.24
CA LEU P 5 -2.05 -18.27 2.64
C LEU P 5 -2.10 -17.01 3.49
N CYS P 6 -1.20 -16.94 4.47
CA CYS P 6 -1.23 -15.80 5.37
C CYS P 6 -0.82 -14.51 4.66
N LYS P 7 0.10 -14.60 3.70
CA LYS P 7 0.45 -13.42 2.90
C LYS P 7 -0.73 -12.97 2.04
N LEU P 8 -1.49 -13.92 1.50
CA LEU P 8 -2.67 -13.54 0.73
C LEU P 8 -3.74 -12.90 1.60
N LEU P 9 -3.99 -13.45 2.79
CA LEU P 9 -4.96 -12.84 3.69
C LEU P 9 -4.51 -11.44 4.12
N LYS P 10 -3.20 -11.27 4.37
CA LYS P 10 -2.72 -9.92 4.69
C LYS P 10 -3.00 -8.95 3.56
N LYS P 11 -2.70 -9.37 2.32
CA LYS P 11 -2.92 -8.54 1.13
C LYS P 11 -4.38 -8.16 0.97
N LEU P 12 -5.26 -9.16 1.10
CA LEU P 12 -6.68 -8.93 1.01
C LEU P 12 -7.14 -7.95 2.07
N CYS P 13 -6.59 -8.06 3.27
CA CYS P 13 -7.00 -7.15 4.32
C CYS P 13 -6.42 -5.75 4.13
N LYS P 14 -5.27 -5.65 3.46
CA LYS P 14 -4.69 -4.34 3.17
C LYS P 14 -5.51 -3.62 2.11
N LEU P 15 -6.12 -4.40 1.21
CA LEU P 15 -7.02 -3.88 0.19
C LEU P 15 -8.33 -3.32 0.75
C ACE Q 1 -21.88 -16.80 12.18
O ACE Q 1 -20.94 -16.27 11.60
CH3 ACE Q 1 -22.06 -16.79 13.66
N LEU Q 2 -22.24 -17.96 11.42
CA LEU Q 2 -21.65 -18.37 10.15
C LEU Q 2 -22.16 -17.48 9.01
N LYS Q 3 -23.38 -16.98 9.17
CA LYS Q 3 -23.89 -16.04 8.18
C LYS Q 3 -23.14 -14.73 8.23
N LYS Q 4 -22.88 -14.21 9.43
CA LYS Q 4 -22.15 -12.96 9.55
C LYS Q 4 -20.72 -13.10 9.06
N LEU Q 5 -20.06 -14.20 9.44
CA LEU Q 5 -18.67 -14.41 8.99
C LEU Q 5 -18.61 -14.46 7.48
N CYS Q 6 -19.51 -15.22 6.84
CA CYS Q 6 -19.46 -15.33 5.39
C CYS Q 6 -19.79 -14.02 4.69
N LYS Q 7 -20.67 -13.20 5.26
CA LYS Q 7 -20.88 -11.87 4.68
C LYS Q 7 -19.62 -11.01 4.77
N LEU Q 8 -18.90 -11.10 5.88
CA LEU Q 8 -17.62 -10.39 5.98
C LEU Q 8 -16.59 -10.95 5.01
N LEU Q 9 -16.51 -12.28 4.87
CA LEU Q 9 -15.57 -12.85 3.89
C LEU Q 9 -15.96 -12.45 2.47
N LYS Q 10 -17.26 -12.41 2.20
CA LYS Q 10 -17.73 -11.92 0.91
C LYS Q 10 -17.31 -10.47 0.70
N LYS Q 11 -17.41 -9.64 1.74
CA LYS Q 11 -16.98 -8.25 1.63
C LYS Q 11 -15.48 -8.15 1.39
N LEU Q 12 -14.70 -8.96 2.11
CA LEU Q 12 -13.25 -9.01 1.92
C LEU Q 12 -12.89 -9.29 0.47
N CYS Q 13 -13.65 -10.18 -0.16
CA CYS Q 13 -13.40 -10.68 -1.50
C CYS Q 13 -14.30 -10.08 -2.59
N LYS Q 14 -14.45 -8.76 -2.66
CA LYS Q 14 -15.22 -8.13 -3.71
C LYS Q 14 -14.39 -7.74 -4.93
N LEU Q 15 -14.95 -8.01 -6.12
CA LEU Q 15 -14.34 -7.61 -7.40
C LEU Q 15 -15.16 -6.50 -8.06
C ACE R 1 -4.55 -15.17 -5.13
O ACE R 1 -5.25 -15.96 -4.49
CH3 ACE R 1 -3.33 -15.60 -5.89
N LEU R 2 -4.84 -13.89 -5.18
CA LEU R 2 -5.97 -13.31 -4.46
C LEU R 2 -7.30 -13.81 -5.02
N LYS R 3 -7.43 -13.82 -6.36
CA LYS R 3 -8.67 -14.25 -6.99
C LYS R 3 -8.96 -15.72 -6.70
N LYS R 4 -7.96 -16.58 -6.82
CA LYS R 4 -8.12 -18.00 -6.53
C LYS R 4 -8.57 -18.22 -5.08
N LEU R 5 -7.90 -17.56 -4.13
CA LEU R 5 -8.29 -17.70 -2.73
C LEU R 5 -9.72 -17.23 -2.50
N CYS R 6 -10.11 -16.11 -3.10
CA CYS R 6 -11.47 -15.62 -2.89
C CYS R 6 -12.49 -16.57 -3.50
N LYS R 7 -12.18 -17.19 -4.63
CA LYS R 7 -13.10 -18.16 -5.19
C LYS R 7 -13.31 -19.34 -4.25
N LEU R 8 -12.24 -19.78 -3.58
CA LEU R 8 -12.37 -20.87 -2.60
C LEU R 8 -13.19 -20.43 -1.41
N LEU R 9 -12.97 -19.22 -0.90
CA LEU R 9 -13.72 -18.74 0.24
C LEU R 9 -15.20 -18.62 -0.09
N LYS R 10 -15.53 -18.21 -1.31
CA LYS R 10 -16.92 -18.15 -1.73
C LYS R 10 -17.55 -19.54 -1.74
N LYS R 11 -16.84 -20.51 -2.29
CA LYS R 11 -17.31 -21.90 -2.31
C LYS R 11 -17.48 -22.43 -0.90
N LEU R 12 -16.51 -22.15 -0.02
CA LEU R 12 -16.64 -22.52 1.40
C LEU R 12 -17.92 -21.97 2.01
N CYS R 13 -18.24 -20.72 1.70
CA CYS R 13 -19.41 -20.13 2.32
C CYS R 13 -20.71 -20.58 1.68
N LYS R 14 -20.68 -20.91 0.39
CA LYS R 14 -21.88 -21.39 -0.27
C LYS R 14 -22.19 -22.85 0.05
N LEU R 15 -21.18 -23.65 0.35
CA LEU R 15 -21.42 -25.04 0.71
C LEU R 15 -21.59 -25.15 2.21
N LEU S 2 28.71 -9.32 7.95
CA LEU S 2 27.65 -9.26 8.96
C LEU S 2 26.79 -10.51 8.87
N LYS S 3 26.88 -11.36 9.90
CA LYS S 3 26.05 -12.55 9.97
C LYS S 3 24.57 -12.17 10.09
N LYS S 4 24.29 -11.06 10.76
CA LYS S 4 22.92 -10.58 10.87
C LYS S 4 22.33 -10.35 9.48
N LEU S 5 23.10 -9.72 8.58
CA LEU S 5 22.66 -9.54 7.21
C LEU S 5 22.50 -10.87 6.46
N CYS S 6 23.52 -11.74 6.54
CA CYS S 6 23.48 -12.99 5.79
C CYS S 6 22.34 -13.90 6.22
N LYS S 7 21.95 -13.85 7.50
CA LYS S 7 20.79 -14.65 7.91
C LYS S 7 19.55 -14.21 7.16
N LEU S 8 19.38 -12.90 6.97
CA LEU S 8 18.26 -12.40 6.18
C LEU S 8 18.38 -12.80 4.72
N LEU S 9 19.59 -12.74 4.15
CA LEU S 9 19.80 -13.13 2.77
C LEU S 9 19.44 -14.60 2.55
N LYS S 10 19.80 -15.46 3.50
CA LYS S 10 19.44 -16.88 3.37
C LYS S 10 17.93 -17.08 3.38
N LYS S 11 17.22 -16.42 4.32
CA LYS S 11 15.76 -16.58 4.37
C LYS S 11 15.09 -15.97 3.15
N LEU S 12 15.55 -14.80 2.70
CA LEU S 12 14.98 -14.20 1.50
C LEU S 12 15.06 -15.19 0.34
N CYS S 13 16.16 -15.93 0.26
CA CYS S 13 16.37 -16.91 -0.78
C CYS S 13 15.62 -18.20 -0.53
N LYS S 14 14.87 -18.29 0.59
CA LYS S 14 13.99 -19.43 0.81
C LYS S 14 12.65 -19.17 0.13
N LEU S 15 12.14 -17.96 0.28
CA LEU S 15 10.96 -17.45 -0.40
C LEU S 15 11.09 -17.57 -1.92
N LEU T 2 17.74 -15.52 -10.76
CA LEU T 2 17.31 -15.68 -9.38
C LEU T 2 17.97 -16.90 -8.81
N LYS T 3 17.93 -17.96 -9.61
CA LYS T 3 18.53 -19.22 -9.22
C LYS T 3 20.01 -19.03 -8.97
N LYS T 4 20.69 -18.43 -9.95
CA LYS T 4 22.11 -18.10 -9.83
C LYS T 4 22.36 -17.07 -8.75
N LEU T 5 21.53 -16.01 -8.69
CA LEU T 5 21.76 -14.93 -7.75
C LEU T 5 21.80 -15.42 -6.30
N CYS T 6 20.83 -16.24 -5.91
CA CYS T 6 20.79 -16.72 -4.53
C CYS T 6 21.96 -17.64 -4.21
N LYS T 7 22.38 -18.45 -5.17
CA LYS T 7 23.56 -19.27 -4.96
C LYS T 7 24.80 -18.40 -4.84
N LEU T 8 24.85 -17.31 -5.61
CA LEU T 8 25.96 -16.36 -5.52
C LEU T 8 25.97 -15.65 -4.17
N LEU T 9 24.79 -15.30 -3.65
CA LEU T 9 24.73 -14.69 -2.32
C LEU T 9 25.21 -15.65 -1.24
N LYS T 10 24.85 -16.93 -1.36
CA LYS T 10 25.33 -17.93 -0.40
C LYS T 10 26.85 -18.06 -0.44
N LYS T 11 27.41 -18.13 -1.65
CA LYS T 11 28.86 -18.23 -1.78
C LYS T 11 29.55 -17.01 -1.18
N LEU T 12 29.03 -15.82 -1.49
CA LEU T 12 29.52 -14.60 -0.86
C LEU T 12 29.36 -14.67 0.65
N CYS T 13 28.25 -15.25 1.12
CA CYS T 13 27.97 -15.36 2.55
C CYS T 13 28.81 -16.42 3.23
N LYS T 14 29.49 -17.30 2.48
CA LYS T 14 30.45 -18.20 3.13
C LYS T 14 31.67 -17.41 3.57
N LEU T 15 31.54 -16.08 3.61
CA LEU T 15 32.55 -15.15 4.14
C LEU T 15 33.91 -15.30 3.49
C ACE U 1 22.46 -4.58 -14.08
O ACE U 1 21.89 -5.54 -13.55
CH3 ACE U 1 23.23 -4.68 -15.37
N LEU U 2 22.28 -3.21 -13.75
CA LEU U 2 21.57 -3.04 -12.49
C LEU U 2 20.07 -3.21 -12.62
N LYS U 3 19.55 -3.06 -13.84
CA LYS U 3 18.13 -3.28 -14.03
C LYS U 3 17.76 -4.73 -13.76
N LYS U 4 18.56 -5.67 -14.26
CA LYS U 4 18.28 -7.08 -14.03
C LYS U 4 18.41 -7.45 -12.55
N LEU U 5 19.50 -6.99 -11.92
CA LEU U 5 19.69 -7.26 -10.49
C LEU U 5 18.53 -6.76 -9.66
N CYS U 6 18.07 -5.53 -9.93
CA CYS U 6 16.97 -4.97 -9.15
C CYS U 6 15.66 -5.71 -9.35
N LYS U 7 15.37 -6.19 -10.56
CA LYS U 7 14.17 -7.01 -10.75
C LYS U 7 14.22 -8.32 -9.96
N LEU U 8 15.40 -8.96 -9.92
CA LEU U 8 15.55 -10.20 -9.14
C LEU U 8 15.38 -9.94 -7.64
N LEU U 9 15.96 -8.85 -7.12
CA LEU U 9 15.77 -8.49 -5.72
C LEU U 9 14.32 -8.15 -5.42
N LYS U 10 13.64 -7.47 -6.35
CA LYS U 10 12.24 -7.11 -6.14
C LYS U 10 11.35 -8.33 -5.97
N LYS U 11 11.47 -9.32 -6.86
CA LYS U 11 10.65 -10.52 -6.74
C LYS U 11 11.01 -11.31 -5.49
N LEU U 12 12.32 -11.42 -5.16
CA LEU U 12 12.68 -12.06 -3.89
C LEU U 12 11.94 -11.41 -2.74
N CYS U 13 11.78 -10.08 -2.80
CA CYS U 13 11.12 -9.37 -1.73
C CYS U 13 9.60 -9.42 -1.82
N LYS U 14 9.06 -9.86 -2.95
CA LYS U 14 7.62 -10.07 -3.11
C LYS U 14 7.21 -11.49 -2.75
N LEU U 15 8.17 -12.38 -2.60
CA LEU U 15 7.93 -13.76 -2.19
C LEU U 15 7.91 -13.80 -0.67
N LEU V 2 13.59 -10.00 5.32
CA LEU V 2 13.01 -8.99 6.21
C LEU V 2 12.43 -7.79 5.44
N LYS V 3 11.37 -7.22 6.01
CA LYS V 3 10.72 -6.06 5.38
C LYS V 3 11.65 -4.85 5.33
N LYS V 4 12.37 -4.55 6.42
CA LYS V 4 13.28 -3.41 6.40
C LYS V 4 14.37 -3.59 5.35
N LEU V 5 14.99 -4.78 5.31
CA LEU V 5 16.00 -5.04 4.29
C LEU V 5 15.44 -4.82 2.89
N CYS V 6 14.22 -5.31 2.65
CA CYS V 6 13.62 -5.15 1.34
C CYS V 6 13.29 -3.69 1.05
N LYS V 7 12.86 -2.93 2.06
CA LYS V 7 12.61 -1.51 1.86
C LYS V 7 13.90 -0.76 1.54
N LEU V 8 15.01 -1.15 2.17
CA LEU V 8 16.29 -0.55 1.82
C LEU V 8 16.73 -0.94 0.42
N LEU V 9 16.55 -2.22 0.06
CA LEU V 9 16.91 -2.65 -1.29
C LEU V 9 16.04 -1.96 -2.34
N LYS V 10 14.76 -1.75 -2.02
CA LYS V 10 13.90 -1.03 -2.94
C LYS V 10 14.38 0.40 -3.13
N LYS V 11 14.77 1.07 -2.04
CA LYS V 11 15.29 2.43 -2.15
C LYS V 11 16.56 2.47 -2.98
N LEU V 12 17.50 1.53 -2.73
CA LEU V 12 18.70 1.46 -3.55
C LEU V 12 18.35 1.29 -5.02
N CYS V 13 17.33 0.47 -5.31
CA CYS V 13 16.96 0.18 -6.69
C CYS V 13 16.20 1.34 -7.36
N LYS V 14 15.89 2.40 -6.61
CA LYS V 14 15.40 3.61 -7.25
C LYS V 14 16.52 4.28 -8.04
N LEU V 15 17.77 4.00 -7.66
CA LEU V 15 18.94 4.43 -8.41
C LEU V 15 19.04 5.95 -8.39
N LEU W 2 30.76 -13.94 -9.26
CA LEU W 2 30.61 -13.26 -7.98
C LEU W 2 31.35 -11.91 -8.00
N LYS W 3 32.34 -11.79 -8.88
CA LYS W 3 33.01 -10.51 -9.06
C LYS W 3 32.12 -9.50 -9.76
N LYS W 4 31.38 -9.92 -10.79
CA LYS W 4 30.45 -9.01 -11.45
C LYS W 4 29.39 -8.55 -10.46
N LEU W 5 28.85 -9.47 -9.67
CA LEU W 5 27.81 -9.15 -8.70
C LEU W 5 28.30 -8.08 -7.73
N CYS W 6 29.52 -8.27 -7.22
CA CYS W 6 30.05 -7.31 -6.25
C CYS W 6 30.27 -5.94 -6.88
N LYS W 7 30.66 -5.91 -8.15
CA LYS W 7 30.77 -4.63 -8.85
C LYS W 7 29.40 -3.99 -9.02
N LEU W 8 28.38 -4.79 -9.30
CA LEU W 8 27.02 -4.25 -9.40
C LEU W 8 26.56 -3.71 -8.06
N LEU W 9 26.86 -4.45 -6.98
CA LEU W 9 26.53 -3.98 -5.64
C LEU W 9 27.24 -2.67 -5.33
N LYS W 10 28.49 -2.54 -5.79
CA LYS W 10 29.22 -1.28 -5.66
C LYS W 10 28.53 -0.16 -6.42
N LYS W 11 28.12 -0.44 -7.66
CA LYS W 11 27.44 0.57 -8.46
C LYS W 11 26.11 0.95 -7.83
N LEU W 12 25.36 -0.07 -7.36
CA LEU W 12 24.11 0.17 -6.65
C LEU W 12 24.33 1.05 -5.42
N CYS W 13 25.41 0.81 -4.67
CA CYS W 13 25.61 1.61 -3.48
C CYS W 13 26.22 2.97 -3.76
N LYS W 14 26.78 3.18 -4.94
CA LYS W 14 27.20 4.53 -5.28
C LYS W 14 26.10 5.30 -5.98
N LEU W 15 25.03 4.61 -6.38
CA LEU W 15 23.84 5.17 -7.02
C LEU W 15 24.17 5.98 -8.26
N LEU X 2 20.88 2.38 5.05
CA LEU X 2 21.41 2.35 3.69
C LEU X 2 22.94 2.40 3.68
N LYS X 3 23.50 3.38 4.39
CA LYS X 3 24.95 3.47 4.49
C LYS X 3 25.53 2.25 5.19
N LYS X 4 24.92 1.85 6.31
CA LYS X 4 25.42 0.66 7.00
C LYS X 4 25.29 -0.58 6.12
N LEU X 5 24.12 -0.77 5.49
CA LEU X 5 23.91 -1.90 4.59
C LEU X 5 24.97 -1.91 3.51
N CYS X 6 25.23 -0.76 2.92
CA CYS X 6 26.25 -0.68 1.87
C CYS X 6 27.64 -0.95 2.43
N LYS X 7 27.89 -0.56 3.69
CA LYS X 7 29.15 -0.91 4.33
C LYS X 7 29.26 -2.41 4.53
N LEU X 8 28.17 -3.08 4.91
CA LEU X 8 28.18 -4.54 5.04
C LEU X 8 28.36 -5.23 3.70
N LEU X 9 27.66 -4.74 2.66
CA LEU X 9 27.81 -5.34 1.34
C LEU X 9 29.23 -5.21 0.84
N LYS X 10 29.86 -4.07 1.13
CA LYS X 10 31.27 -3.87 0.79
C LYS X 10 32.15 -4.88 1.54
N LYS X 11 31.88 -5.08 2.82
CA LYS X 11 32.65 -6.06 3.59
C LYS X 11 32.50 -7.45 3.01
N LEU X 12 31.25 -7.86 2.74
CA LEU X 12 31.00 -9.17 2.16
C LEU X 12 31.73 -9.35 0.84
N CYS X 13 31.75 -8.31 0.01
CA CYS X 13 32.36 -8.42 -1.31
C CYS X 13 33.88 -8.36 -1.24
N LYS X 14 34.43 -7.70 -0.23
CA LYS X 14 35.86 -7.73 0.00
C LYS X 14 36.32 -9.06 0.58
N LEU X 15 35.38 -9.83 1.16
CA LEU X 15 35.60 -11.18 1.69
C LEU X 15 36.26 -11.07 3.06
C1 GOL Y . -28.14 10.93 -4.11
O1 GOL Y . -27.52 9.88 -4.79
C2 GOL Y . -27.24 12.17 -4.32
O2 GOL Y . -27.98 13.31 -4.63
C3 GOL Y . -26.45 12.33 -3.00
O3 GOL Y . -25.12 12.48 -3.34
C1 GOL Z . 30.02 -9.30 12.35
O1 GOL Z . 30.27 -8.75 11.09
C2 GOL Z . 29.27 -10.64 12.13
O2 GOL Z . 30.15 -11.71 12.06
C3 GOL Z . 28.28 -10.75 13.30
O3 GOL Z . 27.01 -10.53 12.79
#